data_1LVA
#
_entry.id   1LVA
#
_cell.length_a   37.841
_cell.length_b   67.006
_cell.length_c   105.357
_cell.angle_alpha   90.00
_cell.angle_beta   90.00
_cell.angle_gamma   90.00
#
_symmetry.space_group_name_H-M   'P 21 21 21'
#
loop_
_entity.id
_entity.type
_entity.pdbx_description
1 polymer 'Selenocysteine-specific elongation factor'
2 non-polymer 'YTTRIUM ION'
3 non-polymer 'SULFATE ION'
4 water water
#
_entity_poly.entity_id   1
_entity_poly.type   'polypeptide(L)'
_entity_poly.pdbx_seq_one_letter_code
;GSPEKILAQIIQEHREGLDWQEAATRASLSLEETRKLLQS(MSE)AAAGQVTLLRVENDLYAISTERYQAWWQAVTRALE
EFHSRYPLRPGLAREELRSRYFSRLPARVYQALLEEWSREGRLQLAANTVALAGFTPSFSETQKKLLKDLEDKYRVSRWQ
PPSFKEVAGSFNLDPSELEELLHYLVREGVLVKINDEFYWHRQALGEAREVIKNLASTGPFGLAEARDALGSSRKYVLPL
LEYLDQVKFTRRVGDKRVVVGN
;
_entity_poly.pdbx_strand_id   A
#
# COMPACT_ATOMS: atom_id res chain seq x y z
N GLY A 1 27.56 4.70 -39.46
CA GLY A 1 27.49 3.23 -39.59
C GLY A 1 26.08 2.74 -39.84
N SER A 2 25.78 1.53 -39.39
CA SER A 2 24.47 0.93 -39.57
C SER A 2 23.46 1.54 -38.58
N PRO A 3 22.16 1.43 -38.87
CA PRO A 3 21.15 1.98 -37.98
C PRO A 3 21.28 1.50 -36.54
N GLU A 4 21.63 0.22 -36.37
CA GLU A 4 21.78 -0.34 -35.03
C GLU A 4 22.89 0.39 -34.27
N LYS A 5 23.99 0.65 -34.96
CA LYS A 5 25.14 1.34 -34.36
C LYS A 5 24.81 2.80 -34.05
N ILE A 6 24.18 3.49 -35.02
CA ILE A 6 23.82 4.88 -34.84
C ILE A 6 22.90 5.03 -33.65
N LEU A 7 21.89 4.16 -33.59
CA LEU A 7 20.93 4.22 -32.50
C LEU A 7 21.58 3.91 -31.16
N ALA A 8 22.45 2.91 -31.13
CA ALA A 8 23.14 2.53 -29.89
C ALA A 8 23.92 3.70 -29.31
N GLN A 9 24.59 4.44 -30.19
CA GLN A 9 25.38 5.61 -29.79
C GLN A 9 24.48 6.69 -29.21
N ILE A 10 23.34 6.93 -29.89
CA ILE A 10 22.38 7.93 -29.44
C ILE A 10 21.87 7.61 -28.05
N ILE A 11 21.56 6.34 -27.80
CA ILE A 11 21.07 5.92 -26.49
C ILE A 11 22.14 6.16 -25.43
N GLN A 12 23.40 5.92 -25.77
CA GLN A 12 24.47 6.13 -24.81
C GLN A 12 24.67 7.62 -24.56
N GLU A 13 24.49 8.44 -25.59
CA GLU A 13 24.64 9.89 -25.46
C GLU A 13 23.48 10.54 -24.67
N HIS A 14 22.64 9.73 -24.02
CA HIS A 14 21.51 10.23 -23.23
C HIS A 14 21.46 9.55 -21.86
N ARG A 15 22.17 10.13 -20.91
CA ARG A 15 22.23 9.58 -19.55
C ARG A 15 20.87 9.27 -18.95
N GLU A 16 19.91 10.18 -19.09
CA GLU A 16 18.57 9.97 -18.53
C GLU A 16 17.67 9.20 -19.50
N GLY A 17 18.24 8.82 -20.63
CA GLY A 17 17.46 8.09 -21.62
C GLY A 17 16.74 9.09 -22.50
N LEU A 18 15.93 8.60 -23.44
CA LEU A 18 15.19 9.49 -24.31
C LEU A 18 14.03 8.70 -24.87
N ASP A 19 12.99 9.38 -25.29
CA ASP A 19 11.86 8.67 -25.81
C ASP A 19 12.00 8.34 -27.29
N TRP A 20 11.11 7.46 -27.69
CA TRP A 20 10.97 6.93 -29.03
C TRP A 20 11.18 7.92 -30.18
N GLN A 21 10.39 8.99 -30.18
CA GLN A 21 10.46 10.03 -31.22
C GLN A 21 11.83 10.67 -31.34
N GLU A 22 12.35 11.12 -30.21
CA GLU A 22 13.68 11.74 -30.16
C GLU A 22 14.71 10.83 -30.83
N ALA A 23 14.69 9.55 -30.47
CA ALA A 23 15.64 8.59 -31.04
C ALA A 23 15.48 8.42 -32.53
N ALA A 24 14.24 8.27 -32.99
CA ALA A 24 13.99 8.09 -34.41
C ALA A 24 14.52 9.29 -35.19
N THR A 25 14.15 10.48 -34.74
CA THR A 25 14.57 11.71 -35.39
C THR A 25 16.09 11.79 -35.51
N ARG A 26 16.76 11.63 -34.37
CA ARG A 26 18.23 11.68 -34.35
C ARG A 26 18.90 10.59 -35.18
N ALA A 27 18.27 9.43 -35.31
CA ALA A 27 18.85 8.34 -36.08
C ALA A 27 18.43 8.40 -37.53
N SER A 28 17.59 9.38 -37.85
CA SER A 28 17.08 9.54 -39.21
C SER A 28 16.35 8.26 -39.62
N LEU A 29 15.77 7.58 -38.64
CA LEU A 29 15.03 6.34 -38.89
C LEU A 29 13.54 6.63 -38.70
N SER A 30 12.69 5.84 -39.33
CA SER A 30 11.26 6.02 -39.17
C SER A 30 10.89 5.53 -37.78
N LEU A 31 9.72 5.93 -37.29
CA LEU A 31 9.28 5.48 -35.97
C LEU A 31 9.21 3.96 -36.02
N GLU A 32 8.57 3.44 -37.05
CA GLU A 32 8.43 2.01 -37.22
C GLU A 32 9.77 1.27 -37.15
N GLU A 33 10.76 1.74 -37.89
CA GLU A 33 12.06 1.08 -37.87
C GLU A 33 12.77 1.27 -36.54
N THR A 34 12.57 2.42 -35.91
CA THR A 34 13.22 2.68 -34.63
C THR A 34 12.68 1.70 -33.59
N ARG A 35 11.37 1.48 -33.59
CA ARG A 35 10.77 0.55 -32.64
C ARG A 35 11.36 -0.85 -32.83
N LYS A 36 11.42 -1.30 -34.07
CA LYS A 36 11.98 -2.62 -34.35
C LYS A 36 13.40 -2.78 -33.83
N LEU A 37 14.24 -1.74 -33.98
CA LEU A 37 15.62 -1.83 -33.49
C LEU A 37 15.65 -1.76 -31.97
N LEU A 38 14.83 -0.89 -31.40
CA LEU A 38 14.77 -0.77 -29.95
C LEU A 38 14.31 -2.11 -29.36
N GLN A 39 13.30 -2.70 -29.97
CA GLN A 39 12.77 -3.97 -29.48
C GLN A 39 13.78 -5.11 -29.54
N SER A 40 14.60 -5.15 -30.59
CA SER A 40 15.59 -6.20 -30.74
C SER A 40 16.76 -5.94 -29.80
N ALA A 42 16.57 -4.52 -27.03
CA ALA A 42 16.07 -4.82 -25.70
C ALA A 42 16.13 -6.31 -25.49
N ALA A 43 15.69 -7.08 -26.48
CA ALA A 43 15.72 -8.53 -26.36
C ALA A 43 17.17 -9.04 -26.24
N ALA A 44 18.12 -8.19 -26.62
CA ALA A 44 19.54 -8.55 -26.55
C ALA A 44 20.13 -8.16 -25.19
N GLY A 45 19.36 -7.43 -24.39
CA GLY A 45 19.84 -7.04 -23.08
C GLY A 45 20.71 -5.80 -23.02
N GLN A 46 20.95 -5.18 -24.17
CA GLN A 46 21.78 -3.98 -24.21
C GLN A 46 21.03 -2.70 -23.83
N VAL A 47 19.71 -2.72 -24.03
CA VAL A 47 18.88 -1.56 -23.71
C VAL A 47 17.67 -1.99 -22.91
N THR A 48 17.08 -1.05 -22.19
CA THR A 48 15.88 -1.33 -21.40
C THR A 48 14.81 -0.40 -21.95
N LEU A 49 13.66 -0.95 -22.31
CA LEU A 49 12.55 -0.16 -22.86
C LEU A 49 11.39 0.00 -21.90
N LEU A 50 11.15 1.21 -21.45
CA LEU A 50 10.03 1.44 -20.56
C LEU A 50 8.83 1.73 -21.44
N ARG A 51 7.73 1.02 -21.20
CA ARG A 51 6.52 1.22 -21.98
C ARG A 51 5.69 2.30 -21.30
N VAL A 52 5.86 3.54 -21.75
CA VAL A 52 5.10 4.66 -21.18
C VAL A 52 3.84 4.85 -22.01
N GLU A 53 2.81 4.08 -21.68
CA GLU A 53 1.54 4.14 -22.41
C GLU A 53 1.79 3.50 -23.77
N ASN A 54 1.48 4.24 -24.85
CA ASN A 54 1.71 3.74 -26.19
C ASN A 54 3.01 4.34 -26.73
N ASP A 55 3.76 4.98 -25.83
CA ASP A 55 5.03 5.58 -26.17
C ASP A 55 6.14 4.71 -25.57
N LEU A 56 7.35 4.83 -26.10
CA LEU A 56 8.51 4.06 -25.63
C LEU A 56 9.59 5.00 -25.12
N TYR A 57 10.31 4.58 -24.08
CA TYR A 57 11.39 5.39 -23.52
C TYR A 57 12.59 4.46 -23.37
N ALA A 58 13.69 4.80 -24.02
CA ALA A 58 14.88 3.96 -23.97
C ALA A 58 15.94 4.49 -23.02
N ILE A 59 16.58 3.57 -22.29
CA ILE A 59 17.64 3.93 -21.36
C ILE A 59 18.68 2.82 -21.38
N SER A 60 19.94 3.16 -21.15
CA SER A 60 20.98 2.15 -21.13
C SER A 60 20.70 1.24 -19.94
N THR A 61 20.89 -0.06 -20.10
CA THR A 61 20.64 -1.00 -19.01
C THR A 61 21.47 -0.65 -17.78
N GLU A 62 22.67 -0.13 -18.02
CA GLU A 62 23.56 0.28 -16.94
C GLU A 62 22.88 1.36 -16.12
N ARG A 63 22.25 2.32 -16.81
CA ARG A 63 21.56 3.41 -16.10
C ARG A 63 20.31 2.92 -15.37
N TYR A 64 19.57 2.04 -16.01
CA TYR A 64 18.36 1.46 -15.42
C TYR A 64 18.72 0.78 -14.11
N GLN A 65 19.85 0.06 -14.12
CA GLN A 65 20.30 -0.63 -12.92
C GLN A 65 20.68 0.35 -11.83
N ALA A 66 21.32 1.46 -12.22
CA ALA A 66 21.73 2.48 -11.26
C ALA A 66 20.48 3.10 -10.61
N TRP A 67 19.41 3.25 -11.38
CA TRP A 67 18.18 3.84 -10.84
C TRP A 67 17.61 2.94 -9.74
N TRP A 68 17.63 1.64 -9.97
CA TRP A 68 17.13 0.71 -8.96
C TRP A 68 17.90 0.91 -7.66
N GLN A 69 19.20 1.17 -7.80
CA GLN A 69 20.05 1.39 -6.64
C GLN A 69 19.65 2.62 -5.84
N ALA A 70 19.25 3.68 -6.54
CA ALA A 70 18.82 4.90 -5.88
C ALA A 70 17.55 4.64 -5.08
N VAL A 71 16.75 3.68 -5.54
CA VAL A 71 15.51 3.35 -4.85
C VAL A 71 15.78 2.55 -3.58
N THR A 72 16.62 1.52 -3.65
CA THR A 72 16.87 0.74 -2.46
C THR A 72 17.50 1.60 -1.38
N ARG A 73 18.39 2.52 -1.78
CA ARG A 73 19.01 3.41 -0.77
C ARG A 73 17.93 4.30 -0.14
N ALA A 74 17.05 4.84 -0.98
CA ALA A 74 15.95 5.68 -0.51
C ALA A 74 14.99 4.90 0.40
N LEU A 75 14.64 3.68 0.01
CA LEU A 75 13.72 2.89 0.82
C LEU A 75 14.39 2.31 2.06
N GLU A 76 15.64 1.88 1.95
CA GLU A 76 16.36 1.33 3.10
C GLU A 76 16.36 2.39 4.20
N GLU A 77 16.62 3.64 3.82
CA GLU A 77 16.63 4.73 4.78
C GLU A 77 15.26 5.00 5.36
N PHE A 78 14.26 5.12 4.50
CA PHE A 78 12.92 5.40 4.98
C PHE A 78 12.40 4.29 5.89
N HIS A 79 12.61 3.04 5.49
CA HIS A 79 12.13 1.91 6.28
C HIS A 79 12.81 1.81 7.64
N SER A 80 14.12 2.05 7.69
CA SER A 80 14.79 1.98 8.98
C SER A 80 14.32 3.11 9.89
N ARG A 81 14.09 4.30 9.33
CA ARG A 81 13.64 5.42 10.14
C ARG A 81 12.16 5.40 10.52
N TYR A 82 11.31 4.84 9.66
CA TYR A 82 9.88 4.79 9.92
C TYR A 82 9.32 3.39 9.74
N PRO A 83 9.70 2.47 10.65
CA PRO A 83 9.29 1.07 10.65
C PRO A 83 7.78 0.87 10.71
N LEU A 84 7.06 1.84 11.30
CA LEU A 84 5.61 1.74 11.43
C LEU A 84 4.83 2.15 10.19
N ARG A 85 5.50 2.89 9.30
CA ARG A 85 4.86 3.36 8.08
C ARG A 85 4.94 2.32 7.00
N PRO A 86 3.98 2.33 6.06
CA PRO A 86 3.98 1.36 4.97
C PRO A 86 5.05 1.62 3.91
N GLY A 87 5.33 2.89 3.64
CA GLY A 87 6.33 3.19 2.63
C GLY A 87 6.50 4.67 2.43
N LEU A 88 7.41 5.03 1.51
CA LEU A 88 7.73 6.41 1.19
C LEU A 88 6.69 6.93 0.22
N ALA A 89 6.21 8.15 0.44
CA ALA A 89 5.22 8.74 -0.46
C ALA A 89 5.78 8.74 -1.88
N ARG A 90 4.95 8.29 -2.83
CA ARG A 90 5.34 8.21 -4.24
C ARG A 90 6.04 9.48 -4.70
N GLU A 91 5.38 10.62 -4.46
CA GLU A 91 5.92 11.91 -4.85
C GLU A 91 7.25 12.25 -4.20
N GLU A 92 7.37 11.96 -2.91
CA GLU A 92 8.60 12.26 -2.18
C GLU A 92 9.75 11.48 -2.81
N LEU A 93 9.50 10.20 -3.08
CA LEU A 93 10.51 9.38 -3.71
C LEU A 93 10.85 10.00 -5.06
N ARG A 94 9.84 10.43 -5.80
CA ARG A 94 10.10 11.01 -7.11
C ARG A 94 10.89 12.31 -7.08
N SER A 95 10.44 13.28 -6.29
CA SER A 95 11.13 14.56 -6.25
C SER A 95 12.53 14.50 -5.62
N ARG A 96 12.71 13.63 -4.64
CA ARG A 96 14.02 13.52 -3.99
C ARG A 96 15.08 12.75 -4.78
N TYR A 97 14.70 11.70 -5.51
CA TYR A 97 15.68 10.93 -6.26
C TYR A 97 15.48 10.85 -7.76
N PHE A 98 14.30 11.19 -8.26
CA PHE A 98 14.10 11.11 -9.70
C PHE A 98 13.57 12.40 -10.33
N SER A 99 14.03 13.55 -9.83
CA SER A 99 13.60 14.85 -10.35
C SER A 99 14.08 15.06 -11.79
N ARG A 100 15.15 14.37 -12.15
CA ARG A 100 15.72 14.50 -13.49
C ARG A 100 14.97 13.69 -14.55
N LEU A 101 14.06 12.81 -14.11
CA LEU A 101 13.28 11.98 -15.02
C LEU A 101 11.89 12.53 -15.27
N PRO A 102 11.33 12.29 -16.47
CA PRO A 102 9.99 12.79 -16.74
C PRO A 102 9.06 11.99 -15.82
N ALA A 103 8.03 12.64 -15.28
CA ALA A 103 7.09 11.98 -14.37
C ALA A 103 6.56 10.67 -14.95
N ARG A 104 6.15 10.72 -16.22
CA ARG A 104 5.61 9.55 -16.89
C ARG A 104 6.60 8.37 -16.87
N VAL A 105 7.88 8.64 -17.05
CA VAL A 105 8.88 7.58 -17.03
C VAL A 105 8.96 7.02 -15.62
N TYR A 106 9.05 7.92 -14.63
CA TYR A 106 9.12 7.53 -13.23
C TYR A 106 7.99 6.54 -12.92
N GLN A 107 6.78 6.90 -13.34
CA GLN A 107 5.61 6.05 -13.12
C GLN A 107 5.84 4.67 -13.73
N ALA A 108 6.20 4.63 -15.02
CA ALA A 108 6.45 3.38 -15.73
C ALA A 108 7.53 2.59 -15.02
N LEU A 109 8.47 3.31 -14.42
CA LEU A 109 9.57 2.69 -13.71
C LEU A 109 9.02 1.98 -12.47
N LEU A 110 8.19 2.66 -11.69
CA LEU A 110 7.63 2.03 -10.50
C LEU A 110 6.80 0.82 -10.88
N GLU A 111 6.12 0.91 -12.02
CA GLU A 111 5.27 -0.17 -12.50
C GLU A 111 6.07 -1.43 -12.80
N GLU A 112 7.13 -1.26 -13.57
CA GLU A 112 8.00 -2.38 -13.95
C GLU A 112 8.61 -3.08 -12.76
N TRP A 113 9.17 -2.31 -11.84
CA TRP A 113 9.78 -2.89 -10.66
C TRP A 113 8.72 -3.59 -9.82
N SER A 114 7.50 -3.06 -9.87
CA SER A 114 6.41 -3.64 -9.12
C SER A 114 6.09 -4.98 -9.77
N ARG A 115 5.92 -4.95 -11.09
CA ARG A 115 5.62 -6.17 -11.85
C ARG A 115 6.71 -7.23 -11.68
N GLU A 116 7.96 -6.80 -11.52
CA GLU A 116 9.05 -7.75 -11.34
C GLU A 116 9.06 -8.30 -9.90
N GLY A 117 8.20 -7.75 -9.04
CA GLY A 117 8.15 -8.20 -7.66
C GLY A 117 9.19 -7.55 -6.75
N ARG A 118 9.66 -6.35 -7.13
CA ARG A 118 10.67 -5.65 -6.34
C ARG A 118 10.08 -4.65 -5.35
N LEU A 119 8.92 -4.09 -5.68
CA LEU A 119 8.30 -3.10 -4.83
C LEU A 119 6.85 -3.41 -4.49
N GLN A 120 6.38 -2.80 -3.42
CA GLN A 120 5.01 -2.94 -2.94
C GLN A 120 4.35 -1.57 -3.11
N LEU A 121 3.57 -1.40 -4.16
CA LEU A 121 2.90 -0.12 -4.41
C LEU A 121 1.48 -0.07 -3.81
N ALA A 122 1.35 0.60 -2.68
CA ALA A 122 0.06 0.73 -1.99
C ALA A 122 -0.28 2.20 -1.81
N ALA A 123 -1.53 2.54 -2.14
CA ALA A 123 -2.02 3.92 -2.04
C ALA A 123 -1.11 4.77 -2.90
N ASN A 124 -0.37 5.66 -2.27
CA ASN A 124 0.57 6.50 -2.98
C ASN A 124 1.91 6.32 -2.27
N THR A 125 2.14 5.13 -1.73
CA THR A 125 3.40 4.85 -1.05
C THR A 125 4.13 3.73 -1.77
N VAL A 126 5.45 3.78 -1.69
CA VAL A 126 6.34 2.79 -2.32
C VAL A 126 7.10 2.09 -1.21
N ALA A 127 7.17 0.77 -1.27
CA ALA A 127 7.89 0.01 -0.26
C ALA A 127 8.65 -1.15 -0.90
N LEU A 128 9.78 -1.51 -0.29
CA LEU A 128 10.54 -2.62 -0.80
C LEU A 128 9.60 -3.82 -0.65
N ALA A 129 9.55 -4.70 -1.65
CA ALA A 129 8.67 -5.86 -1.62
C ALA A 129 8.91 -6.75 -0.42
N GLY A 130 10.16 -6.83 0.02
CA GLY A 130 10.48 -7.67 1.17
C GLY A 130 10.67 -6.88 2.44
N PHE A 131 10.10 -5.68 2.49
CA PHE A 131 10.21 -4.82 3.66
C PHE A 131 9.79 -5.51 4.96
N THR A 132 10.71 -5.54 5.92
CA THR A 132 10.46 -6.16 7.22
C THR A 132 10.79 -5.15 8.31
N PRO A 133 9.75 -4.67 9.01
CA PRO A 133 9.95 -3.69 10.08
C PRO A 133 10.96 -4.13 11.13
N SER A 134 11.85 -3.22 11.50
CA SER A 134 12.85 -3.47 12.53
C SER A 134 12.54 -2.48 13.65
N PHE A 135 11.85 -2.94 14.69
CA PHE A 135 11.46 -2.11 15.82
C PHE A 135 12.47 -2.17 16.95
N SER A 136 12.42 -1.17 17.82
CA SER A 136 13.27 -1.11 19.00
C SER A 136 12.48 -1.87 20.06
N GLU A 137 13.16 -2.33 21.11
CA GLU A 137 12.46 -3.07 22.15
C GLU A 137 11.33 -2.26 22.77
N THR A 138 11.46 -0.93 22.80
CA THR A 138 10.42 -0.06 23.34
C THR A 138 9.22 -0.05 22.38
N GLN A 139 9.50 -0.03 21.08
CA GLN A 139 8.44 -0.04 20.08
C GLN A 139 7.71 -1.38 20.15
N LYS A 140 8.47 -2.45 20.32
CA LYS A 140 7.88 -3.79 20.41
C LYS A 140 6.93 -3.89 21.60
N LYS A 141 7.34 -3.35 22.74
CA LYS A 141 6.49 -3.43 23.92
C LYS A 141 5.19 -2.65 23.72
N LEU A 142 5.31 -1.45 23.18
CA LEU A 142 4.14 -0.61 22.93
C LEU A 142 3.15 -1.32 21.98
N LEU A 143 3.68 -2.03 20.99
CA LEU A 143 2.81 -2.74 20.04
C LEU A 143 2.10 -3.86 20.79
N LYS A 144 2.84 -4.51 21.69
CA LYS A 144 2.32 -5.60 22.52
C LYS A 144 1.25 -5.08 23.48
N ASP A 145 1.59 -4.05 24.26
CA ASP A 145 0.61 -3.50 25.20
C ASP A 145 -0.61 -2.97 24.48
N LEU A 146 -0.37 -2.36 23.33
CA LEU A 146 -1.44 -1.79 22.54
C LEU A 146 -2.40 -2.88 22.09
N GLU A 147 -1.86 -3.97 21.53
CA GLU A 147 -2.71 -5.06 21.10
C GLU A 147 -3.47 -5.69 22.27
N ASP A 148 -2.81 -5.81 23.41
CA ASP A 148 -3.46 -6.41 24.56
C ASP A 148 -4.63 -5.57 25.07
N LYS A 149 -4.50 -4.25 25.05
CA LYS A 149 -5.59 -3.40 25.52
C LYS A 149 -6.83 -3.67 24.68
N TYR A 150 -6.65 -3.78 23.37
CA TYR A 150 -7.79 -4.05 22.49
C TYR A 150 -8.28 -5.48 22.70
N ARG A 151 -7.37 -6.42 22.87
CA ARG A 151 -7.75 -7.81 23.09
C ARG A 151 -8.63 -7.92 24.34
N VAL A 152 -8.16 -7.36 25.45
CA VAL A 152 -8.91 -7.41 26.70
C VAL A 152 -10.26 -6.70 26.59
N SER A 153 -10.28 -5.60 25.86
CA SER A 153 -11.51 -4.85 25.68
C SER A 153 -12.61 -5.62 24.96
N ARG A 154 -12.21 -6.61 24.16
CA ARG A 154 -13.14 -7.44 23.38
C ARG A 154 -14.15 -6.64 22.57
N TRP A 155 -15.41 -6.66 22.97
CA TRP A 155 -16.47 -5.97 22.22
C TRP A 155 -16.82 -4.58 22.75
N GLN A 156 -15.94 -4.04 23.59
CA GLN A 156 -16.11 -2.70 24.13
C GLN A 156 -14.73 -2.03 24.01
N PRO A 157 -14.22 -1.93 22.77
CA PRO A 157 -12.91 -1.32 22.53
C PRO A 157 -12.81 0.10 23.03
N PRO A 158 -11.62 0.48 23.49
CA PRO A 158 -11.46 1.84 23.98
C PRO A 158 -11.45 2.71 22.72
N SER A 159 -11.80 3.98 22.83
CA SER A 159 -11.79 4.86 21.65
C SER A 159 -10.36 5.33 21.38
N PHE A 160 -10.16 5.98 20.24
CA PHE A 160 -8.85 6.50 19.86
C PHE A 160 -8.35 7.46 20.94
N LYS A 161 -9.20 8.42 21.32
CA LYS A 161 -8.82 9.38 22.35
C LYS A 161 -8.48 8.71 23.67
N GLU A 162 -9.29 7.73 24.07
CA GLU A 162 -9.05 7.01 25.32
C GLU A 162 -7.66 6.38 25.32
N VAL A 163 -7.36 5.62 24.27
CA VAL A 163 -6.05 4.97 24.17
C VAL A 163 -4.95 6.03 24.17
N ALA A 164 -5.20 7.12 23.45
CA ALA A 164 -4.23 8.21 23.37
C ALA A 164 -3.84 8.67 24.77
N GLY A 165 -4.84 8.91 25.60
CA GLY A 165 -4.59 9.37 26.95
C GLY A 165 -3.90 8.34 27.82
N SER A 166 -4.46 7.14 27.85
CA SER A 166 -3.92 6.05 28.64
C SER A 166 -2.42 5.86 28.43
N PHE A 167 -2.01 5.67 27.18
CA PHE A 167 -0.59 5.49 26.85
C PHE A 167 0.10 6.82 26.68
N ASN A 168 -0.64 7.89 26.87
CA ASN A 168 -0.13 9.24 26.71
C ASN A 168 0.71 9.39 25.45
N LEU A 169 0.04 9.33 24.30
CA LEU A 169 0.72 9.47 23.02
C LEU A 169 0.02 10.57 22.24
N ASP A 170 0.74 11.19 21.31
CA ASP A 170 0.13 12.22 20.48
C ASP A 170 -0.70 11.50 19.42
N PRO A 171 -1.71 12.18 18.88
CA PRO A 171 -2.57 11.59 17.85
C PRO A 171 -1.78 10.94 16.71
N SER A 172 -0.80 11.68 16.20
CA SER A 172 0.04 11.24 15.09
C SER A 172 0.70 9.89 15.35
N GLU A 173 1.33 9.78 16.51
CA GLU A 173 2.03 8.57 16.92
C GLU A 173 1.08 7.38 17.06
N LEU A 174 -0.03 7.58 17.76
CA LEU A 174 -0.98 6.48 17.96
C LEU A 174 -1.54 5.98 16.62
N GLU A 175 -1.94 6.90 15.75
CA GLU A 175 -2.50 6.48 14.46
C GLU A 175 -1.51 5.60 13.70
N GLU A 176 -0.23 5.95 13.78
CA GLU A 176 0.81 5.21 13.09
C GLU A 176 0.93 3.79 13.63
N LEU A 177 0.85 3.64 14.94
CA LEU A 177 0.94 2.34 15.58
C LEU A 177 -0.29 1.51 15.27
N LEU A 178 -1.46 2.13 15.36
CA LEU A 178 -2.71 1.43 15.07
C LEU A 178 -2.80 1.02 13.60
N HIS A 179 -2.36 1.88 12.70
CA HIS A 179 -2.42 1.55 11.29
C HIS A 179 -1.47 0.42 10.99
N TYR A 180 -0.33 0.40 11.69
CA TYR A 180 0.60 -0.69 11.49
C TYR A 180 -0.05 -1.99 11.99
N LEU A 181 -0.74 -1.93 13.13
CA LEU A 181 -1.41 -3.11 13.68
C LEU A 181 -2.53 -3.57 12.76
N VAL A 182 -3.15 -2.64 12.05
CA VAL A 182 -4.20 -3.00 11.11
C VAL A 182 -3.59 -3.77 9.92
N ARG A 183 -2.45 -3.29 9.42
CA ARG A 183 -1.78 -3.96 8.29
C ARG A 183 -1.29 -5.36 8.66
N GLU A 184 -0.87 -5.54 9.90
CA GLU A 184 -0.42 -6.84 10.33
C GLU A 184 -1.62 -7.73 10.61
N GLY A 185 -2.81 -7.15 10.59
CA GLY A 185 -4.02 -7.92 10.83
C GLY A 185 -4.35 -8.13 12.29
N VAL A 186 -3.68 -7.41 13.17
CA VAL A 186 -3.91 -7.53 14.60
C VAL A 186 -5.19 -6.82 15.02
N LEU A 187 -5.47 -5.70 14.35
CA LEU A 187 -6.66 -4.92 14.61
C LEU A 187 -7.37 -4.66 13.30
N VAL A 188 -8.64 -4.30 13.37
CA VAL A 188 -9.45 -3.99 12.20
C VAL A 188 -10.11 -2.67 12.56
N LYS A 189 -10.11 -1.73 11.63
CA LYS A 189 -10.70 -0.40 11.86
C LYS A 189 -12.20 -0.43 11.57
N ILE A 190 -13.01 -0.15 12.60
CA ILE A 190 -14.47 -0.15 12.44
C ILE A 190 -14.89 1.24 11.99
N ASN A 191 -14.25 2.26 12.54
CA ASN A 191 -14.47 3.64 12.14
C ASN A 191 -13.28 4.44 12.66
N ASP A 192 -13.26 5.74 12.37
CA ASP A 192 -12.16 6.59 12.79
C ASP A 192 -11.89 6.57 14.29
N GLU A 193 -12.92 6.29 15.07
CA GLU A 193 -12.79 6.27 16.52
C GLU A 193 -12.54 4.87 17.11
N PHE A 194 -13.09 3.84 16.48
CA PHE A 194 -12.95 2.50 17.01
C PHE A 194 -12.26 1.44 16.17
N TYR A 195 -11.28 0.80 16.81
CA TYR A 195 -10.53 -0.32 16.23
C TYR A 195 -10.90 -1.53 17.09
N TRP A 196 -10.97 -2.71 16.49
CA TRP A 196 -11.31 -3.91 17.22
C TRP A 196 -10.21 -4.96 17.07
N HIS A 197 -9.90 -5.66 18.14
CA HIS A 197 -8.90 -6.72 18.07
C HIS A 197 -9.53 -7.67 17.04
N ARG A 198 -8.76 -8.06 16.03
CA ARG A 198 -9.31 -8.93 14.99
C ARG A 198 -9.98 -10.18 15.51
N GLN A 199 -9.36 -10.82 16.49
CA GLN A 199 -9.92 -12.04 17.04
C GLN A 199 -11.26 -11.77 17.70
N ALA A 200 -11.37 -10.61 18.36
CA ALA A 200 -12.60 -10.22 19.01
C ALA A 200 -13.67 -9.99 17.94
N LEU A 201 -13.27 -9.39 16.83
CA LEU A 201 -14.23 -9.13 15.76
C LEU A 201 -14.77 -10.44 15.21
N GLY A 202 -13.90 -11.44 15.12
CA GLY A 202 -14.33 -12.74 14.62
C GLY A 202 -15.38 -13.36 15.52
N GLU A 203 -15.18 -13.24 16.83
CA GLU A 203 -16.13 -13.80 17.79
C GLU A 203 -17.45 -13.04 17.74
N ALA A 204 -17.35 -11.71 17.60
CA ALA A 204 -18.55 -10.87 17.53
C ALA A 204 -19.40 -11.27 16.33
N ARG A 205 -18.74 -11.63 15.22
CA ARG A 205 -19.48 -12.03 14.04
C ARG A 205 -20.19 -13.35 14.29
N GLU A 206 -19.58 -14.23 15.08
CA GLU A 206 -20.22 -15.50 15.40
C GLU A 206 -21.42 -15.24 16.28
N VAL A 207 -21.32 -14.24 17.16
CA VAL A 207 -22.44 -13.88 18.02
C VAL A 207 -23.58 -13.43 17.11
N ILE A 208 -23.23 -12.63 16.10
CA ILE A 208 -24.21 -12.11 15.17
C ILE A 208 -24.84 -13.21 14.32
N LYS A 209 -24.07 -14.23 13.97
CA LYS A 209 -24.58 -15.34 13.18
C LYS A 209 -25.65 -16.08 13.99
N ASN A 210 -25.33 -16.30 15.26
CA ASN A 210 -26.23 -16.99 16.20
C ASN A 210 -27.50 -16.16 16.38
N LEU A 211 -27.34 -14.86 16.55
CA LEU A 211 -28.47 -13.96 16.71
C LEU A 211 -29.41 -14.03 15.49
N ALA A 212 -28.81 -13.94 14.31
CA ALA A 212 -29.56 -13.94 13.06
C ALA A 212 -30.18 -15.29 12.67
N SER A 213 -29.66 -16.36 13.25
CA SER A 213 -30.14 -17.70 12.93
C SER A 213 -31.62 -17.94 13.20
N THR A 214 -32.24 -17.04 13.97
CA THR A 214 -33.65 -17.19 14.25
C THR A 214 -34.54 -16.11 13.62
N GLY A 215 -33.93 -15.24 12.81
CA GLY A 215 -34.70 -14.18 12.16
C GLY A 215 -33.94 -12.87 12.08
N PRO A 216 -34.41 -11.90 11.27
CA PRO A 216 -33.71 -10.62 11.17
C PRO A 216 -33.59 -10.01 12.57
N PHE A 217 -32.60 -9.16 12.80
CA PHE A 217 -32.44 -8.56 14.13
C PHE A 217 -32.23 -7.08 14.04
N GLY A 218 -32.61 -6.38 15.11
CA GLY A 218 -32.43 -4.94 15.18
C GLY A 218 -31.24 -4.62 16.06
N LEU A 219 -30.90 -3.33 16.13
CA LEU A 219 -29.77 -2.88 16.92
C LEU A 219 -29.86 -3.25 18.39
N ALA A 220 -31.05 -3.12 18.97
CA ALA A 220 -31.27 -3.44 20.37
C ALA A 220 -30.96 -4.91 20.65
N GLU A 221 -31.33 -5.78 19.73
CA GLU A 221 -31.08 -7.21 19.91
C GLU A 221 -29.60 -7.53 19.82
N ALA A 222 -28.89 -6.82 18.93
CA ALA A 222 -27.45 -7.03 18.76
C ALA A 222 -26.78 -6.48 20.00
N ARG A 223 -27.30 -5.38 20.51
CA ARG A 223 -26.75 -4.75 21.71
C ARG A 223 -26.70 -5.75 22.86
N ASP A 224 -27.81 -6.46 23.07
CA ASP A 224 -27.91 -7.42 24.17
C ASP A 224 -27.10 -8.71 23.97
N ALA A 225 -27.09 -9.24 22.74
CA ALA A 225 -26.36 -10.46 22.45
C ALA A 225 -24.86 -10.27 22.63
N LEU A 226 -24.40 -9.03 22.46
CA LEU A 226 -22.98 -8.73 22.61
C LEU A 226 -22.69 -8.16 23.98
N GLY A 227 -23.76 -7.82 24.71
CA GLY A 227 -23.57 -7.28 26.04
C GLY A 227 -22.77 -5.98 25.98
N SER A 228 -22.89 -5.28 24.86
CA SER A 228 -22.16 -4.04 24.67
C SER A 228 -23.08 -2.90 24.25
N SER A 229 -22.79 -1.72 24.76
CA SER A 229 -23.54 -0.50 24.47
C SER A 229 -23.65 -0.18 22.97
N ARG A 230 -24.74 0.47 22.58
CA ARG A 230 -24.96 0.83 21.18
C ARG A 230 -23.80 1.68 20.66
N LYS A 231 -23.12 2.36 21.58
CA LYS A 231 -21.99 3.21 21.25
C LYS A 231 -20.94 2.40 20.47
N TYR A 232 -20.79 1.13 20.82
CA TYR A 232 -19.83 0.26 20.16
C TYR A 232 -20.48 -0.58 19.08
N VAL A 233 -21.70 -1.02 19.33
CA VAL A 233 -22.42 -1.88 18.40
C VAL A 233 -22.96 -1.31 17.10
N LEU A 234 -23.40 -0.05 17.08
CA LEU A 234 -23.89 0.48 15.81
C LEU A 234 -22.73 0.60 14.83
N PRO A 235 -21.59 1.17 15.26
CA PRO A 235 -20.48 1.28 14.32
C PRO A 235 -20.04 -0.10 13.82
N LEU A 236 -20.13 -1.09 14.70
CA LEU A 236 -19.77 -2.45 14.31
C LEU A 236 -20.70 -2.95 13.18
N LEU A 237 -22.00 -2.78 13.38
CA LEU A 237 -23.00 -3.20 12.40
C LEU A 237 -22.87 -2.47 11.06
N GLU A 238 -22.53 -1.18 11.10
CA GLU A 238 -22.37 -0.45 9.85
C GLU A 238 -21.09 -0.93 9.17
N TYR A 239 -20.09 -1.34 9.96
CA TYR A 239 -18.85 -1.85 9.37
C TYR A 239 -19.17 -3.22 8.74
N LEU A 240 -19.93 -4.04 9.46
CA LEU A 240 -20.30 -5.36 8.95
C LEU A 240 -21.18 -5.22 7.72
N ASP A 241 -21.98 -4.14 7.64
CA ASP A 241 -22.82 -3.92 6.46
C ASP A 241 -21.88 -3.68 5.28
N GLN A 242 -20.85 -2.90 5.55
CA GLN A 242 -19.89 -2.53 4.51
C GLN A 242 -19.10 -3.67 3.91
N VAL A 243 -18.69 -4.62 4.73
CA VAL A 243 -17.93 -5.76 4.23
C VAL A 243 -18.88 -6.89 3.84
N LYS A 244 -20.16 -6.54 3.78
CA LYS A 244 -21.21 -7.47 3.40
C LYS A 244 -21.35 -8.71 4.26
N PHE A 245 -21.06 -8.60 5.56
CA PHE A 245 -21.25 -9.77 6.41
C PHE A 245 -22.73 -9.72 6.76
N THR A 246 -23.19 -8.53 7.09
CA THR A 246 -24.61 -8.33 7.41
C THR A 246 -25.23 -7.53 6.28
N ARG A 247 -26.57 -7.58 6.23
CA ARG A 247 -27.31 -6.85 5.21
C ARG A 247 -28.60 -6.30 5.79
N ARG A 248 -28.81 -5.00 5.62
CA ARG A 248 -30.02 -4.38 6.12
C ARG A 248 -31.18 -4.76 5.22
N VAL A 249 -32.26 -5.21 5.83
CA VAL A 249 -33.46 -5.57 5.09
C VAL A 249 -34.62 -4.96 5.84
N GLY A 250 -35.01 -3.76 5.44
CA GLY A 250 -36.09 -3.07 6.10
C GLY A 250 -35.49 -2.30 7.25
N ASP A 251 -35.91 -2.61 8.47
CA ASP A 251 -35.40 -1.93 9.66
C ASP A 251 -34.57 -2.88 10.51
N LYS A 252 -34.29 -4.05 9.96
CA LYS A 252 -33.49 -5.05 10.66
C LYS A 252 -32.36 -5.51 9.77
N ARG A 253 -31.61 -6.50 10.24
CA ARG A 253 -30.50 -7.00 9.46
C ARG A 253 -30.49 -8.52 9.41
N VAL A 254 -29.94 -9.07 8.34
CA VAL A 254 -29.79 -10.51 8.23
C VAL A 254 -28.31 -10.69 7.96
N VAL A 255 -27.83 -11.91 8.08
CA VAL A 255 -26.42 -12.18 7.83
C VAL A 255 -26.33 -12.76 6.42
N VAL A 256 -25.47 -12.18 5.58
CA VAL A 256 -25.32 -12.63 4.21
C VAL A 256 -23.88 -12.96 3.86
N GLY A 257 -23.07 -13.23 4.88
CA GLY A 257 -21.69 -13.58 4.63
C GLY A 257 -21.27 -14.69 5.58
N ASN A 258 -20.13 -15.31 5.32
CA ASN A 258 -19.65 -16.36 6.20
C ASN A 258 -18.67 -15.78 7.20
#